data_6OC0
#
_entry.id   6OC0
#
_cell.length_a   91.006
_cell.length_b   91.006
_cell.length_c   123.069
_cell.angle_alpha   90.00
_cell.angle_beta   90.00
_cell.angle_gamma   120.00
#
_symmetry.space_group_name_H-M   'P 32 2 1'
#
loop_
_entity.id
_entity.type
_entity.pdbx_description
1 polymer 'Dihydroorotate dehydrogenase (quinone), mitochondrial'
2 non-polymer 'OROTIC ACID'
3 non-polymer 'FLAVIN MONONUCLEOTIDE'
4 non-polymer 'SULFATE ION'
5 non-polymer N-{4-[5-(phenanthren-2-yl)-3-(trifluoromethyl)-1H-pyrazol-1-yl]phenyl}glycinamide
6 water water
#
_entity_poly.entity_id   1
_entity_poly.type   'polypeptide(L)'
_entity_poly.pdbx_seq_one_letter_code
;HMMATGDERFYAEHLMPTLQGLLDPESAHRLAVRFTSLGLLPRARFQDSDMLEVRVLGHKFRNPVGIAAGFDKHGEAVDG
LYKMGFGFVEIGSVTPKPQEGNPRPRVFRLPEDQAVINRYGFNSHGLSVVEHRLRARQQKQAKLTEDGLPLGVNLGKNKT
SVDAAEDYAEGVRVLGPLADYLVVNVSSPNTAGLRSLQGKAELRRLLTKVLQERDGLRRVHRPAVLVKIAPDLTSQDKED
IASVVKELGIDGLIVTNTTVSRPAGLQGALRSETGGLSGKPLRDLSTQTIREMYALTQGRVPIIGVGGVSSGQDALEKIR
AGASLVQLYTALTFWGPPVVGKVKRELEALLKEQGFGGVTDAIGADHRR
;
_entity_poly.pdbx_strand_id   A
#
loop_
_chem_comp.id
_chem_comp.type
_chem_comp.name
_chem_comp.formula
FMN non-polymer 'FLAVIN MONONUCLEOTIDE' 'C17 H21 N4 O9 P'
M4J non-polymer N-{4-[5-(phenanthren-2-yl)-3-(trifluoromethyl)-1H-pyrazol-1-yl]phenyl}glycinamide 'C26 H19 F3 N4 O'
ORO non-polymer 'OROTIC ACID' 'C5 H4 N2 O4'
SO4 non-polymer 'SULFATE ION' 'O4 S -2'
#
# COMPACT_ATOMS: atom_id res chain seq x y z
N ALA A 4 17.38 16.41 10.55
CA ALA A 4 17.71 15.41 9.49
C ALA A 4 19.00 14.68 9.89
N THR A 5 19.02 13.35 9.75
CA THR A 5 20.15 12.49 10.14
C THR A 5 21.22 12.49 9.05
N GLY A 6 22.41 11.99 9.38
CA GLY A 6 23.52 11.78 8.45
C GLY A 6 23.11 10.82 7.34
N ASP A 7 22.47 9.70 7.70
CA ASP A 7 22.00 8.69 6.73
C ASP A 7 20.97 9.33 5.78
N GLU A 8 20.04 10.13 6.29
CA GLU A 8 18.95 10.67 5.43
C GLU A 8 19.63 11.43 4.28
N ARG A 9 20.54 12.35 4.59
CA ARG A 9 21.19 13.21 3.57
C ARG A 9 22.08 12.36 2.65
N PHE A 10 22.85 11.44 3.21
CA PHE A 10 23.78 10.58 2.44
C PHE A 10 23.01 9.75 1.42
N TYR A 11 21.91 9.10 1.83
CA TYR A 11 21.10 8.28 0.89
C TYR A 11 20.46 9.18 -0.17
N ALA A 12 19.85 10.29 0.25
CA ALA A 12 19.01 11.14 -0.62
C ALA A 12 19.90 11.90 -1.61
N GLU A 13 21.05 12.38 -1.16
CA GLU A 13 21.87 13.33 -1.98
C GLU A 13 22.94 12.59 -2.76
N HIS A 14 23.39 11.42 -2.30
CA HIS A 14 24.60 10.74 -2.84
C HIS A 14 24.31 9.28 -3.24
N LEU A 15 23.97 8.42 -2.29
CA LEU A 15 23.94 6.96 -2.57
C LEU A 15 22.83 6.64 -3.58
N MET A 16 21.59 7.08 -3.34
CA MET A 16 20.47 6.63 -4.20
C MET A 16 20.63 7.19 -5.62
N PRO A 17 20.99 8.49 -5.82
CA PRO A 17 21.20 9.01 -7.17
C PRO A 17 22.33 8.25 -7.91
N THR A 18 23.40 7.88 -7.20
CA THR A 18 24.53 7.14 -7.80
C THR A 18 24.02 5.76 -8.22
N LEU A 19 23.29 5.06 -7.34
CA LEU A 19 22.78 3.71 -7.68
C LEU A 19 21.80 3.81 -8.84
N GLN A 20 20.98 4.86 -8.87
CA GLN A 20 19.98 5.06 -9.94
C GLN A 20 20.71 5.27 -11.26
N GLY A 21 21.90 5.89 -11.23
CA GLY A 21 22.71 6.13 -12.44
C GLY A 21 23.30 4.84 -12.99
N LEU A 22 23.45 3.80 -12.16
CA LEU A 22 24.15 2.54 -12.54
C LEU A 22 23.16 1.45 -12.94
N LEU A 23 21.90 1.50 -12.49
CA LEU A 23 20.94 0.36 -12.51
C LEU A 23 19.64 0.84 -13.17
N ASP A 24 19.05 0.04 -14.07
CA ASP A 24 17.65 0.26 -14.52
C ASP A 24 16.74 0.00 -13.32
N PRO A 25 15.53 0.61 -13.29
CA PRO A 25 14.69 0.56 -12.10
C PRO A 25 14.28 -0.86 -11.68
N GLU A 26 14.06 -1.77 -12.62
CA GLU A 26 13.63 -3.15 -12.22
C GLU A 26 14.81 -3.86 -11.56
N SER A 27 16.02 -3.72 -12.08
CA SER A 27 17.22 -4.33 -11.47
C SER A 27 17.43 -3.73 -10.07
N ALA A 28 17.32 -2.40 -9.94
CA ALA A 28 17.48 -1.72 -8.64
C ALA A 28 16.43 -2.27 -7.65
N HIS A 29 15.19 -2.47 -8.10
CA HIS A 29 14.11 -2.99 -7.21
C HIS A 29 14.47 -4.41 -6.74
N ARG A 30 14.91 -5.26 -7.67
CA ARG A 30 15.28 -6.66 -7.33
C ARG A 30 16.41 -6.65 -6.28
N LEU A 31 17.42 -5.79 -6.44
CA LEU A 31 18.54 -5.70 -5.48
C LEU A 31 17.99 -5.16 -4.14
N ALA A 32 17.09 -4.19 -4.16
CA ALA A 32 16.52 -3.62 -2.90
C ALA A 32 15.75 -4.71 -2.15
N VAL A 33 14.98 -5.54 -2.85
CA VAL A 33 14.23 -6.64 -2.20
C VAL A 33 15.23 -7.63 -1.60
N ARG A 34 16.29 -7.95 -2.35
N ARG A 34 16.28 -7.99 -2.34
CA ARG A 34 17.29 -8.97 -1.92
CA ARG A 34 17.24 -8.99 -1.83
C ARG A 34 18.05 -8.44 -0.68
C ARG A 34 17.96 -8.42 -0.61
N PHE A 35 18.46 -7.18 -0.69
CA PHE A 35 19.19 -6.57 0.46
C PHE A 35 18.25 -6.52 1.66
N THR A 36 17.00 -6.14 1.43
CA THR A 36 16.01 -6.01 2.53
C THR A 36 15.80 -7.39 3.17
N SER A 37 15.65 -8.42 2.35
CA SER A 37 15.39 -9.81 2.80
C SER A 37 16.56 -10.30 3.66
N LEU A 38 17.78 -9.81 3.41
CA LEU A 38 19.02 -10.23 4.12
C LEU A 38 19.29 -9.34 5.34
N GLY A 39 18.49 -8.29 5.55
CA GLY A 39 18.68 -7.34 6.66
C GLY A 39 19.81 -6.34 6.41
N LEU A 40 20.25 -6.20 5.17
CA LEU A 40 21.38 -5.30 4.79
C LEU A 40 20.82 -3.90 4.58
N LEU A 41 20.50 -3.24 5.68
CA LEU A 41 19.79 -1.94 5.67
C LEU A 41 20.18 -1.17 6.92
N PRO A 42 20.16 0.17 6.81
CA PRO A 42 20.67 1.04 7.87
C PRO A 42 19.80 0.89 9.11
N ARG A 43 20.44 1.16 10.25
CA ARG A 43 19.90 0.99 11.62
C ARG A 43 18.74 1.97 11.77
N ALA A 44 17.57 1.49 12.20
CA ALA A 44 16.35 2.31 12.40
C ALA A 44 16.50 3.07 13.74
N ARG A 45 16.98 4.31 13.66
CA ARG A 45 17.41 5.17 14.81
C ARG A 45 16.21 5.89 15.44
N PHE A 46 14.99 5.64 14.93
CA PHE A 46 13.76 6.32 15.42
C PHE A 46 12.92 5.37 16.29
N GLN A 47 13.00 5.53 17.61
CA GLN A 47 12.14 4.80 18.59
C GLN A 47 10.70 5.29 18.48
N ASP A 48 9.76 4.42 18.10
CA ASP A 48 8.34 4.82 17.92
C ASP A 48 7.80 5.31 19.26
N SER A 49 7.24 6.52 19.30
CA SER A 49 6.57 7.08 20.52
C SER A 49 5.11 6.61 20.56
N ASP A 50 4.50 6.69 21.75
CA ASP A 50 3.08 6.32 21.98
C ASP A 50 2.17 7.16 21.08
N MET A 51 2.59 8.37 20.69
CA MET A 51 1.77 9.32 19.90
C MET A 51 1.42 8.70 18.54
N LEU A 52 2.25 7.76 18.08
CA LEU A 52 2.11 7.24 16.70
C LEU A 52 1.27 5.95 16.68
N GLU A 53 0.94 5.41 17.84
CA GLU A 53 0.16 4.15 17.90
C GLU A 53 -1.28 4.39 17.44
N VAL A 54 -1.80 3.49 16.60
CA VAL A 54 -3.18 3.56 16.04
C VAL A 54 -3.85 2.21 16.30
N ARG A 55 -5.10 2.22 16.76
CA ARG A 55 -5.94 0.99 16.85
C ARG A 55 -7.02 1.06 15.78
N VAL A 56 -6.95 0.17 14.79
CA VAL A 56 -7.94 0.07 13.69
C VAL A 56 -7.92 -1.36 13.08
N LEU A 57 -8.98 -1.78 12.37
CA LEU A 57 -9.05 -3.08 11.62
C LEU A 57 -8.86 -4.26 12.59
N GLY A 58 -9.15 -4.06 13.87
CA GLY A 58 -9.03 -5.12 14.89
C GLY A 58 -7.61 -5.31 15.39
N HIS A 59 -6.71 -4.35 15.12
CA HIS A 59 -5.28 -4.49 15.45
C HIS A 59 -4.70 -3.18 16.05
N LYS A 60 -3.65 -3.34 16.84
CA LYS A 60 -2.70 -2.26 17.21
C LYS A 60 -1.68 -2.11 16.09
N PHE A 61 -1.41 -0.87 15.72
CA PHE A 61 -0.32 -0.49 14.78
C PHE A 61 0.67 0.40 15.55
N ARG A 62 1.91 -0.06 15.75
CA ARG A 62 2.96 0.68 16.54
C ARG A 62 3.16 2.09 15.92
N ASN A 63 3.07 2.19 14.60
CA ASN A 63 3.14 3.49 13.90
C ASN A 63 2.29 3.37 12.65
N PRO A 64 1.85 4.50 12.07
CA PRO A 64 0.87 4.46 11.00
C PRO A 64 1.49 4.43 9.59
N VAL A 65 2.79 4.15 9.48
CA VAL A 65 3.48 4.22 8.15
C VAL A 65 3.79 2.79 7.67
N GLY A 66 3.11 2.39 6.59
CA GLY A 66 3.28 1.04 6.03
C GLY A 66 4.00 1.07 4.69
N ILE A 67 4.51 -0.08 4.28
CA ILE A 67 5.02 -0.26 2.90
C ILE A 67 3.85 -0.67 2.01
N ALA A 68 3.60 0.07 0.95
CA ALA A 68 2.52 -0.20 -0.03
C ALA A 68 2.73 -1.54 -0.76
N ALA A 69 1.66 -2.13 -1.25
CA ALA A 69 1.73 -3.29 -2.17
C ALA A 69 2.65 -2.95 -3.36
N GLY A 70 3.32 -3.98 -3.83
CA GLY A 70 4.13 -3.92 -5.04
C GLY A 70 5.62 -3.96 -4.76
N PHE A 71 6.05 -3.50 -3.58
CA PHE A 71 7.49 -3.53 -3.23
C PHE A 71 7.91 -4.98 -2.99
N ASP A 72 7.14 -5.65 -2.13
CA ASP A 72 7.36 -7.08 -1.79
C ASP A 72 6.17 -7.87 -2.38
N LYS A 73 6.18 -8.12 -3.68
CA LYS A 73 5.06 -8.78 -4.39
C LYS A 73 4.91 -10.21 -3.88
N HIS A 74 5.99 -10.87 -3.49
CA HIS A 74 5.98 -12.35 -3.27
C HIS A 74 6.26 -12.75 -1.82
N GLY A 75 6.26 -11.79 -0.89
CA GLY A 75 6.43 -12.04 0.55
C GLY A 75 7.83 -12.53 0.90
N GLU A 76 8.86 -11.93 0.28
CA GLU A 76 10.27 -12.32 0.43
C GLU A 76 11.00 -11.47 1.49
N ALA A 77 10.47 -10.30 1.85
CA ALA A 77 11.27 -9.29 2.58
C ALA A 77 10.52 -8.74 3.80
N VAL A 78 9.49 -9.45 4.26
CA VAL A 78 8.59 -8.93 5.33
C VAL A 78 9.41 -8.55 6.56
N ASP A 79 10.28 -9.43 7.05
CA ASP A 79 11.00 -9.18 8.31
C ASP A 79 11.96 -7.97 8.14
N GLY A 80 12.64 -7.89 7.00
CA GLY A 80 13.50 -6.72 6.67
C GLY A 80 12.69 -5.43 6.64
N LEU A 81 11.46 -5.47 6.15
CA LEU A 81 10.59 -4.26 6.11
C LEU A 81 10.22 -3.82 7.52
N TYR A 82 9.92 -4.74 8.45
CA TYR A 82 9.72 -4.30 9.85
C TYR A 82 11.02 -3.69 10.39
N LYS A 83 12.17 -4.29 10.07
CA LYS A 83 13.46 -3.79 10.58
C LYS A 83 13.67 -2.34 10.09
N MET A 84 13.15 -2.02 8.91
CA MET A 84 13.31 -0.69 8.29
C MET A 84 12.45 0.33 9.04
N GLY A 85 11.49 -0.11 9.85
CA GLY A 85 10.71 0.80 10.72
C GLY A 85 9.25 0.93 10.32
N PHE A 86 8.81 0.22 9.30
CA PHE A 86 7.38 0.25 8.91
C PHE A 86 6.53 -0.32 10.05
N GLY A 87 5.38 0.32 10.30
CA GLY A 87 4.43 -0.12 11.34
C GLY A 87 3.58 -1.27 10.86
N PHE A 88 3.50 -1.47 9.55
CA PHE A 88 2.76 -2.63 8.98
C PHE A 88 3.31 -2.88 7.58
N VAL A 89 3.17 -4.10 7.11
CA VAL A 89 3.67 -4.53 5.78
C VAL A 89 2.51 -5.07 4.99
N GLU A 90 2.42 -4.71 3.72
CA GLU A 90 1.46 -5.30 2.78
C GLU A 90 2.26 -5.97 1.68
N ILE A 91 2.04 -7.24 1.46
CA ILE A 91 2.65 -7.99 0.33
C ILE A 91 1.66 -8.14 -0.81
N GLY A 92 2.19 -8.48 -1.99
CA GLY A 92 1.42 -8.68 -3.20
C GLY A 92 1.52 -7.50 -4.14
N SER A 93 0.67 -7.48 -5.17
CA SER A 93 -0.44 -8.40 -5.36
C SER A 93 0.01 -9.82 -5.69
N VAL A 94 -0.71 -10.81 -5.17
CA VAL A 94 -0.50 -12.25 -5.44
C VAL A 94 -1.65 -12.75 -6.31
N THR A 95 -1.34 -13.43 -7.41
CA THR A 95 -2.32 -14.04 -8.33
C THR A 95 -2.44 -15.53 -8.02
N PRO A 96 -3.60 -16.15 -8.33
CA PRO A 96 -3.76 -17.57 -8.03
C PRO A 96 -2.66 -18.48 -8.59
N LYS A 97 -2.46 -18.42 -9.91
CA LYS A 97 -1.39 -19.17 -10.58
C LYS A 97 -0.19 -18.23 -10.77
N PRO A 98 1.04 -18.78 -10.82
CA PRO A 98 2.21 -17.96 -11.17
C PRO A 98 2.01 -17.31 -12.54
N GLN A 99 2.51 -16.09 -12.70
CA GLN A 99 2.50 -15.47 -14.05
C GLN A 99 3.67 -14.49 -14.16
N GLU A 100 4.19 -14.35 -15.37
CA GLU A 100 5.44 -13.58 -15.64
C GLU A 100 5.21 -12.07 -15.67
N GLY A 101 3.99 -11.61 -15.94
CA GLY A 101 3.73 -10.19 -16.17
C GLY A 101 4.20 -9.76 -17.57
N ASN A 102 4.30 -8.44 -17.76
CA ASN A 102 4.56 -7.83 -19.08
C ASN A 102 6.04 -7.98 -19.44
N PRO A 103 6.37 -7.86 -20.74
CA PRO A 103 7.77 -7.87 -21.18
C PRO A 103 8.51 -6.63 -20.66
N ARG A 104 9.82 -6.79 -20.48
CA ARG A 104 10.75 -5.72 -20.01
C ARG A 104 11.31 -4.93 -21.18
N PRO A 105 11.56 -3.62 -21.01
CA PRO A 105 11.32 -2.88 -19.77
C PRO A 105 9.85 -2.58 -19.48
N ARG A 106 9.51 -2.53 -18.18
CA ARG A 106 8.09 -2.34 -17.75
C ARG A 106 8.00 -1.42 -16.54
N VAL A 107 9.07 -0.71 -16.23
CA VAL A 107 9.07 0.31 -15.15
C VAL A 107 10.08 1.37 -15.55
N PHE A 108 9.74 2.62 -15.26
CA PHE A 108 10.45 3.81 -15.78
C PHE A 108 10.52 4.89 -14.70
N ARG A 109 11.72 5.46 -14.48
CA ARG A 109 11.91 6.53 -13.47
C ARG A 109 11.69 7.89 -14.17
N LEU A 110 10.97 8.78 -13.52
CA LEU A 110 10.81 10.21 -13.90
C LEU A 110 11.47 11.04 -12.81
N PRO A 111 12.83 11.13 -12.80
CA PRO A 111 13.50 11.74 -11.66
C PRO A 111 13.14 13.22 -11.48
N GLU A 112 12.92 13.94 -12.58
CA GLU A 112 12.59 15.38 -12.55
C GLU A 112 11.24 15.62 -11.89
N ASP A 113 10.40 14.58 -11.84
CA ASP A 113 9.02 14.64 -11.29
C ASP A 113 8.94 13.91 -9.93
N GLN A 114 10.02 13.27 -9.47
CA GLN A 114 10.01 12.39 -8.27
C GLN A 114 8.87 11.38 -8.45
N ALA A 115 8.81 10.77 -9.62
CA ALA A 115 7.71 9.87 -10.03
C ALA A 115 8.27 8.63 -10.72
N VAL A 116 7.44 7.59 -10.75
CA VAL A 116 7.67 6.33 -11.48
C VAL A 116 6.41 6.02 -12.30
N ILE A 117 6.63 5.41 -13.47
CA ILE A 117 5.55 4.79 -14.26
C ILE A 117 5.85 3.31 -14.36
N ASN A 118 4.86 2.46 -14.00
CA ASN A 118 5.06 1.01 -14.05
C ASN A 118 3.92 0.33 -14.80
N ARG A 119 4.29 -0.75 -15.50
CA ARG A 119 3.33 -1.65 -16.16
C ARG A 119 3.81 -3.08 -15.93
N TYR A 120 4.07 -3.45 -14.67
CA TYR A 120 4.57 -4.81 -14.39
C TYR A 120 3.57 -5.87 -14.89
N GLY A 121 2.28 -5.62 -14.72
CA GLY A 121 1.23 -6.55 -15.16
C GLY A 121 1.08 -7.75 -14.22
N PHE A 122 1.22 -7.55 -12.92
CA PHE A 122 0.96 -8.60 -11.90
C PHE A 122 1.88 -9.80 -12.12
N ASN A 123 3.19 -9.54 -12.21
CA ASN A 123 4.20 -10.61 -12.09
C ASN A 123 4.03 -11.21 -10.68
N SER A 124 3.82 -12.50 -10.57
CA SER A 124 3.53 -13.13 -9.26
C SER A 124 4.05 -14.56 -9.21
N HIS A 125 4.65 -14.92 -8.08
CA HIS A 125 5.05 -16.32 -7.81
C HIS A 125 3.80 -17.21 -7.59
N GLY A 126 2.63 -16.62 -7.40
CA GLY A 126 1.35 -17.36 -7.27
C GLY A 126 1.06 -17.73 -5.81
N LEU A 127 -0.20 -18.10 -5.55
CA LEU A 127 -0.66 -18.30 -4.16
C LEU A 127 0.14 -19.40 -3.43
N SER A 128 0.42 -20.53 -4.08
N SER A 128 0.39 -20.53 -4.10
CA SER A 128 1.03 -21.70 -3.38
CA SER A 128 1.04 -21.71 -3.47
C SER A 128 2.46 -21.35 -2.92
C SER A 128 2.42 -21.31 -2.93
N VAL A 129 3.26 -20.70 -3.77
CA VAL A 129 4.62 -20.30 -3.35
C VAL A 129 4.52 -19.33 -2.17
N VAL A 130 3.65 -18.32 -2.25
CA VAL A 130 3.58 -17.28 -1.20
C VAL A 130 3.02 -17.94 0.08
N GLU A 131 2.05 -18.86 -0.06
CA GLU A 131 1.49 -19.60 1.10
C GLU A 131 2.63 -20.28 1.88
N HIS A 132 3.50 -21.00 1.18
CA HIS A 132 4.58 -21.76 1.84
C HIS A 132 5.59 -20.77 2.47
N ARG A 133 5.85 -19.65 1.80
CA ARG A 133 6.78 -18.62 2.36
C ARG A 133 6.21 -18.07 3.67
N LEU A 134 4.92 -17.76 3.71
CA LEU A 134 4.32 -17.15 4.92
C LEU A 134 4.17 -18.24 6.01
N ARG A 135 3.92 -19.48 5.63
CA ARG A 135 3.80 -20.58 6.63
C ARG A 135 5.13 -20.75 7.40
N ALA A 136 6.26 -20.50 6.74
CA ALA A 136 7.58 -20.75 7.32
C ALA A 136 7.84 -19.78 8.48
N ARG A 137 7.10 -18.67 8.52
CA ARG A 137 7.28 -17.62 9.55
C ARG A 137 5.92 -17.28 10.19
N GLN A 138 4.96 -18.19 10.15
CA GLN A 138 3.57 -17.90 10.61
C GLN A 138 3.59 -17.52 12.11
N GLN A 139 4.32 -18.25 12.95
CA GLN A 139 4.26 -17.96 14.41
C GLN A 139 5.10 -16.73 14.70
N LYS A 140 6.20 -16.51 13.95
CA LYS A 140 6.99 -15.25 14.09
C LYS A 140 6.05 -14.07 13.80
N GLN A 141 5.23 -14.18 12.75
CA GLN A 141 4.25 -13.12 12.38
C GLN A 141 3.17 -12.99 13.46
N ALA A 142 2.70 -14.09 14.07
CA ALA A 142 1.69 -13.97 15.14
C ALA A 142 2.23 -13.07 16.26
N LYS A 143 3.50 -13.25 16.63
N LYS A 143 3.52 -13.23 16.60
CA LYS A 143 4.12 -12.43 17.71
CA LYS A 143 4.19 -12.47 17.69
C LYS A 143 4.23 -10.98 17.23
C LYS A 143 4.39 -11.01 17.28
N LEU A 144 4.67 -10.76 16.00
CA LEU A 144 4.81 -9.39 15.45
C LEU A 144 3.45 -8.68 15.51
N THR A 145 2.40 -9.36 15.06
CA THR A 145 1.03 -8.78 15.05
C THR A 145 0.66 -8.42 16.50
N GLU A 146 0.91 -9.33 17.43
CA GLU A 146 0.56 -9.12 18.86
C GLU A 146 1.33 -7.90 19.38
N ASP A 147 2.54 -7.65 18.84
CA ASP A 147 3.46 -6.56 19.24
CA ASP A 147 3.44 -6.55 19.28
C ASP A 147 3.15 -5.26 18.47
N GLY A 148 2.09 -5.25 17.67
CA GLY A 148 1.62 -4.04 16.95
C GLY A 148 2.21 -3.89 15.56
N LEU A 149 2.62 -4.99 14.90
CA LEU A 149 3.22 -4.94 13.53
C LEU A 149 2.48 -5.89 12.59
N PRO A 150 1.23 -5.53 12.18
CA PRO A 150 0.41 -6.39 11.36
C PRO A 150 0.88 -6.57 9.91
N LEU A 151 0.35 -7.61 9.28
CA LEU A 151 0.64 -8.06 7.92
C LEU A 151 -0.62 -8.04 7.08
N GLY A 152 -0.56 -7.36 5.94
CA GLY A 152 -1.61 -7.35 4.93
C GLY A 152 -1.19 -8.15 3.72
N VAL A 153 -2.15 -8.72 3.04
CA VAL A 153 -1.96 -9.47 1.78
C VAL A 153 -2.91 -8.92 0.72
N ASN A 154 -2.31 -8.47 -0.37
CA ASN A 154 -3.07 -7.90 -1.50
C ASN A 154 -3.25 -8.99 -2.57
N LEU A 155 -4.52 -9.24 -2.94
CA LEU A 155 -4.89 -10.33 -3.85
C LEU A 155 -5.17 -9.77 -5.25
N GLY A 156 -4.61 -10.43 -6.24
CA GLY A 156 -4.93 -10.10 -7.64
C GLY A 156 -5.58 -11.26 -8.35
N LYS A 157 -5.77 -11.07 -9.66
CA LYS A 157 -6.34 -12.11 -10.53
C LYS A 157 -5.39 -12.37 -11.69
N ASN A 158 -5.43 -13.58 -12.22
CA ASN A 158 -4.60 -13.95 -13.38
C ASN A 158 -5.12 -13.24 -14.63
N LYS A 159 -4.21 -12.89 -15.53
CA LYS A 159 -4.52 -12.26 -16.81
C LYS A 159 -5.60 -13.04 -17.56
N THR A 160 -5.51 -14.36 -17.62
CA THR A 160 -6.37 -15.17 -18.51
C THR A 160 -7.55 -15.78 -17.71
N SER A 161 -7.80 -15.31 -16.49
CA SER A 161 -8.95 -15.80 -15.67
C SER A 161 -10.28 -15.56 -16.40
N VAL A 162 -11.19 -16.54 -16.31
CA VAL A 162 -12.55 -16.46 -16.91
C VAL A 162 -13.59 -16.14 -15.82
N ASP A 163 -13.15 -15.85 -14.59
CA ASP A 163 -14.05 -15.68 -13.41
C ASP A 163 -13.27 -14.93 -12.32
N ALA A 164 -13.25 -13.59 -12.40
CA ALA A 164 -12.43 -12.74 -11.52
C ALA A 164 -12.79 -13.01 -10.06
N ALA A 165 -14.08 -13.18 -9.78
CA ALA A 165 -14.55 -13.35 -8.39
C ALA A 165 -13.97 -14.63 -7.81
N GLU A 166 -13.89 -15.69 -8.62
CA GLU A 166 -13.31 -16.98 -8.16
C GLU A 166 -11.80 -16.83 -7.90
N ASP A 167 -11.09 -16.03 -8.70
CA ASP A 167 -9.64 -15.80 -8.42
C ASP A 167 -9.51 -15.17 -7.02
N TYR A 168 -10.32 -14.16 -6.70
CA TYR A 168 -10.23 -13.48 -5.39
C TYR A 168 -10.64 -14.46 -4.28
N ALA A 169 -11.67 -15.27 -4.51
CA ALA A 169 -12.12 -16.25 -3.50
C ALA A 169 -11.00 -17.26 -3.21
N GLU A 170 -10.26 -17.70 -4.24
CA GLU A 170 -9.11 -18.62 -4.04
C GLU A 170 -8.08 -17.92 -3.15
N GLY A 171 -7.78 -16.63 -3.41
CA GLY A 171 -6.82 -15.89 -2.58
C GLY A 171 -7.27 -15.81 -1.13
N VAL A 172 -8.57 -15.57 -0.92
CA VAL A 172 -9.10 -15.47 0.47
C VAL A 172 -8.88 -16.82 1.19
N ARG A 173 -9.19 -17.92 0.51
CA ARG A 173 -9.08 -19.27 1.12
C ARG A 173 -7.62 -19.62 1.41
N VAL A 174 -6.70 -19.26 0.51
CA VAL A 174 -5.30 -19.72 0.62
C VAL A 174 -4.50 -18.77 1.53
N LEU A 175 -4.56 -17.46 1.31
CA LEU A 175 -3.73 -16.54 2.13
C LEU A 175 -4.51 -15.84 3.23
N GLY A 176 -5.84 -15.85 3.18
CA GLY A 176 -6.61 -15.25 4.28
C GLY A 176 -6.16 -15.75 5.64
N PRO A 177 -5.94 -17.08 5.82
CA PRO A 177 -5.54 -17.60 7.14
C PRO A 177 -4.16 -17.16 7.65
N LEU A 178 -3.39 -16.46 6.80
CA LEU A 178 -2.01 -16.05 7.11
C LEU A 178 -1.93 -14.51 7.21
N ALA A 179 -3.06 -13.81 7.05
CA ALA A 179 -3.10 -12.34 6.91
C ALA A 179 -3.85 -11.69 8.06
N ASP A 180 -3.45 -10.50 8.48
CA ASP A 180 -4.29 -9.66 9.39
C ASP A 180 -5.36 -8.95 8.58
N TYR A 181 -5.04 -8.56 7.35
CA TYR A 181 -6.04 -7.98 6.43
C TYR A 181 -5.72 -8.45 5.02
N LEU A 182 -6.76 -8.53 4.21
CA LEU A 182 -6.71 -8.84 2.76
C LEU A 182 -7.14 -7.60 1.99
N VAL A 183 -6.58 -7.43 0.79
CA VAL A 183 -6.98 -6.32 -0.10
C VAL A 183 -7.44 -6.89 -1.44
N VAL A 184 -8.60 -6.42 -1.91
CA VAL A 184 -9.08 -6.66 -3.28
C VAL A 184 -8.89 -5.37 -4.09
N ASN A 185 -8.11 -5.35 -5.19
CA ASN A 185 -8.08 -4.13 -6.05
C ASN A 185 -9.31 -4.03 -6.94
N VAL A 186 -9.98 -2.91 -6.94
CA VAL A 186 -10.86 -2.71 -8.08
C VAL A 186 -10.00 -1.76 -8.92
N SER A 187 -8.65 -1.99 -9.07
CA SER A 187 -7.74 -0.81 -9.39
C SER A 187 -6.31 -0.96 -9.96
N SER A 188 -5.70 -2.12 -10.30
CA SER A 188 -4.45 -2.06 -11.12
C SER A 188 -4.73 -1.38 -12.46
N PRO A 189 -3.84 -0.50 -12.98
CA PRO A 189 -4.07 0.09 -14.29
C PRO A 189 -3.62 -0.85 -15.42
N ASN A 190 -2.99 -1.97 -15.05
CA ASN A 190 -2.15 -2.84 -15.94
C ASN A 190 -2.70 -4.27 -16.01
N THR A 191 -4.03 -4.47 -15.91
CA THR A 191 -4.73 -5.72 -16.30
C THR A 191 -6.10 -5.33 -16.90
N ALA A 192 -6.45 -5.91 -18.05
CA ALA A 192 -7.66 -5.59 -18.84
C ALA A 192 -8.91 -6.14 -18.13
N GLY A 193 -9.67 -5.27 -17.44
CA GLY A 193 -11.03 -5.56 -16.94
C GLY A 193 -11.22 -5.28 -15.46
N LEU A 194 -10.14 -5.05 -14.70
CA LEU A 194 -10.16 -5.05 -13.21
C LEU A 194 -10.91 -3.83 -12.66
N ARG A 195 -10.61 -2.62 -13.15
CA ARG A 195 -11.20 -1.35 -12.62
C ARG A 195 -12.68 -1.26 -13.03
N SER A 196 -13.08 -1.98 -14.09
CA SER A 196 -14.40 -1.86 -14.77
C SER A 196 -15.38 -2.93 -14.25
N LEU A 197 -15.14 -3.43 -13.03
CA LEU A 197 -16.14 -4.17 -12.22
C LEU A 197 -16.73 -3.18 -11.20
N GLN A 198 -16.60 -1.88 -11.51
CA GLN A 198 -17.21 -0.74 -10.77
C GLN A 198 -18.72 -0.72 -11.05
N GLY A 199 -19.17 -1.27 -12.19
CA GLY A 199 -20.58 -1.62 -12.43
C GLY A 199 -21.17 -2.13 -11.11
N LYS A 200 -22.13 -1.41 -10.54
CA LYS A 200 -22.35 -1.44 -9.07
C LYS A 200 -22.77 -2.86 -8.65
N ALA A 201 -23.72 -3.46 -9.38
CA ALA A 201 -24.27 -4.80 -9.06
C ALA A 201 -23.16 -5.85 -9.16
N GLU A 202 -22.23 -5.66 -10.10
CA GLU A 202 -21.07 -6.57 -10.30
C GLU A 202 -20.08 -6.39 -9.14
N LEU A 203 -19.82 -5.17 -8.67
CA LEU A 203 -18.96 -4.94 -7.48
C LEU A 203 -19.59 -5.64 -6.27
N ARG A 204 -20.90 -5.44 -6.08
CA ARG A 204 -21.65 -6.07 -4.95
C ARG A 204 -21.51 -7.60 -5.06
N ARG A 205 -21.66 -8.17 -6.25
CA ARG A 205 -21.57 -9.64 -6.42
C ARG A 205 -20.16 -10.13 -6.03
N LEU A 206 -19.12 -9.44 -6.49
CA LEU A 206 -17.70 -9.83 -6.23
C LEU A 206 -17.43 -9.76 -4.72
N LEU A 207 -17.78 -8.63 -4.09
CA LEU A 207 -17.42 -8.42 -2.66
C LEU A 207 -18.28 -9.34 -1.78
N THR A 208 -19.52 -9.62 -2.17
CA THR A 208 -20.38 -10.59 -1.40
C THR A 208 -19.66 -11.95 -1.35
N LYS A 209 -19.13 -12.40 -2.50
CA LYS A 209 -18.43 -13.71 -2.60
C LYS A 209 -17.17 -13.68 -1.74
N VAL A 210 -16.38 -12.60 -1.83
CA VAL A 210 -15.14 -12.47 -1.03
C VAL A 210 -15.48 -12.52 0.47
N LEU A 211 -16.50 -11.78 0.89
CA LEU A 211 -16.84 -11.70 2.35
C LEU A 211 -17.39 -13.05 2.82
N GLN A 212 -18.14 -13.77 1.98
CA GLN A 212 -18.66 -15.12 2.36
C GLN A 212 -17.46 -16.05 2.59
N GLU A 213 -16.44 -15.98 1.72
CA GLU A 213 -15.27 -16.89 1.87
C GLU A 213 -14.51 -16.50 3.14
N ARG A 214 -14.33 -15.20 3.41
CA ARG A 214 -13.62 -14.73 4.63
C ARG A 214 -14.38 -15.22 5.87
N ASP A 215 -15.70 -15.07 5.88
CA ASP A 215 -16.53 -15.45 7.06
C ASP A 215 -16.45 -16.96 7.32
N GLY A 216 -16.14 -17.75 6.29
CA GLY A 216 -15.96 -19.21 6.38
C GLY A 216 -14.66 -19.65 7.02
N LEU A 217 -13.73 -18.73 7.28
CA LEU A 217 -12.47 -19.09 7.94
C LEU A 217 -12.66 -19.15 9.46
N ARG A 218 -11.87 -20.02 10.08
CA ARG A 218 -11.86 -20.13 11.57
C ARG A 218 -11.49 -18.78 12.19
N ARG A 219 -12.04 -18.46 13.36
CA ARG A 219 -11.97 -17.09 13.93
C ARG A 219 -10.53 -16.58 14.01
N VAL A 220 -9.60 -17.37 14.51
CA VAL A 220 -8.16 -16.98 14.68
C VAL A 220 -7.55 -16.64 13.32
N HIS A 221 -8.14 -17.15 12.25
CA HIS A 221 -7.59 -17.07 10.87
C HIS A 221 -8.46 -16.20 9.97
N ARG A 222 -9.25 -15.31 10.56
CA ARG A 222 -10.27 -14.53 9.80
C ARG A 222 -9.81 -13.09 9.66
N PRO A 223 -9.32 -12.68 8.48
CA PRO A 223 -8.79 -11.34 8.32
C PRO A 223 -9.86 -10.28 8.05
N ALA A 224 -9.48 -9.00 8.27
CA ALA A 224 -10.24 -7.86 7.75
C ALA A 224 -10.14 -7.88 6.22
N VAL A 225 -11.12 -7.30 5.53
CA VAL A 225 -11.14 -7.24 4.05
C VAL A 225 -11.27 -5.76 3.65
N LEU A 226 -10.30 -5.28 2.86
CA LEU A 226 -10.30 -3.89 2.37
C LEU A 226 -10.40 -3.90 0.84
N VAL A 227 -10.93 -2.82 0.29
CA VAL A 227 -10.99 -2.61 -1.18
C VAL A 227 -10.00 -1.49 -1.51
N LYS A 228 -9.13 -1.73 -2.50
CA LYS A 228 -8.16 -0.69 -2.95
C LYS A 228 -8.67 -0.10 -4.27
N ILE A 229 -8.74 1.22 -4.31
CA ILE A 229 -9.33 1.92 -5.46
C ILE A 229 -8.30 2.81 -6.16
N ALA A 230 -8.63 3.05 -7.41
CA ALA A 230 -7.89 3.95 -8.29
C ALA A 230 -8.18 5.40 -7.93
N PRO A 231 -7.29 6.31 -8.35
CA PRO A 231 -7.50 7.73 -8.21
C PRO A 231 -8.27 8.32 -9.39
N ASP A 232 -8.62 7.49 -10.36
CA ASP A 232 -9.20 7.89 -11.68
C ASP A 232 -10.70 7.60 -11.77
N LEU A 233 -11.36 7.33 -10.65
CA LEU A 233 -12.81 7.00 -10.62
C LEU A 233 -13.64 8.25 -10.93
N THR A 234 -14.77 8.06 -11.60
CA THR A 234 -15.79 9.12 -11.77
C THR A 234 -16.44 9.39 -10.40
N SER A 235 -17.11 10.53 -10.24
CA SER A 235 -17.94 10.82 -9.04
C SER A 235 -18.96 9.69 -8.84
N GLN A 236 -19.54 9.19 -9.94
CA GLN A 236 -20.55 8.09 -9.88
C GLN A 236 -19.89 6.83 -9.33
N ASP A 237 -18.69 6.48 -9.82
CA ASP A 237 -17.96 5.29 -9.35
C ASP A 237 -17.73 5.40 -7.83
N LYS A 238 -17.33 6.57 -7.34
CA LYS A 238 -17.00 6.76 -5.91
C LYS A 238 -18.28 6.63 -5.05
N GLU A 239 -19.38 7.21 -5.49
CA GLU A 239 -20.72 7.13 -4.82
C GLU A 239 -21.11 5.65 -4.71
N ASP A 240 -20.96 4.91 -5.81
CA ASP A 240 -21.33 3.47 -5.91
C ASP A 240 -20.46 2.64 -4.97
N ILE A 241 -19.15 2.86 -4.94
CA ILE A 241 -18.25 2.11 -4.04
C ILE A 241 -18.61 2.39 -2.58
N ALA A 242 -18.80 3.64 -2.19
CA ALA A 242 -19.17 4.03 -0.81
C ALA A 242 -20.44 3.28 -0.42
N SER A 243 -21.43 3.23 -1.31
CA SER A 243 -22.74 2.58 -1.05
C SER A 243 -22.55 1.09 -0.79
N VAL A 244 -21.81 0.42 -1.65
CA VAL A 244 -21.59 -1.06 -1.57
C VAL A 244 -20.78 -1.35 -0.31
N VAL A 245 -19.75 -0.57 -0.03
CA VAL A 245 -18.89 -0.81 1.14
C VAL A 245 -19.73 -0.73 2.41
N LYS A 246 -20.61 0.25 2.53
CA LYS A 246 -21.46 0.38 3.76
C LYS A 246 -22.49 -0.76 3.78
N GLU A 247 -23.09 -1.09 2.64
CA GLU A 247 -24.15 -2.15 2.57
C GLU A 247 -23.58 -3.49 3.02
N LEU A 248 -22.34 -3.82 2.64
CA LEU A 248 -21.79 -5.19 2.86
C LEU A 248 -20.92 -5.25 4.12
N GLY A 249 -20.58 -4.11 4.73
CA GLY A 249 -19.73 -4.09 5.93
C GLY A 249 -18.27 -4.37 5.58
N ILE A 250 -17.81 -3.93 4.41
CA ILE A 250 -16.36 -3.99 4.06
C ILE A 250 -15.60 -3.26 5.17
N ASP A 251 -14.45 -3.81 5.59
CA ASP A 251 -13.74 -3.32 6.79
C ASP A 251 -12.99 -2.02 6.54
N GLY A 252 -12.57 -1.75 5.30
CA GLY A 252 -11.82 -0.50 5.05
C GLY A 252 -11.55 -0.32 3.57
N LEU A 253 -10.93 0.82 3.28
CA LEU A 253 -10.54 1.19 1.90
C LEU A 253 -9.05 1.51 1.88
N ILE A 254 -8.40 1.19 0.77
CA ILE A 254 -7.02 1.69 0.47
C ILE A 254 -7.13 2.65 -0.71
N VAL A 255 -6.65 3.88 -0.48
CA VAL A 255 -6.92 5.04 -1.37
C VAL A 255 -5.59 5.77 -1.48
N THR A 256 -4.82 5.64 -2.59
CA THR A 256 -5.18 5.06 -3.86
C THR A 256 -4.05 4.22 -4.47
N ASN A 257 -4.40 3.50 -5.52
CA ASN A 257 -3.45 2.90 -6.49
C ASN A 257 -2.82 4.02 -7.36
N THR A 258 -2.04 3.61 -8.33
CA THR A 258 -1.43 4.55 -9.31
C THR A 258 -2.46 5.12 -10.26
N THR A 259 -2.09 6.25 -10.93
CA THR A 259 -3.00 6.95 -11.86
C THR A 259 -2.61 6.63 -13.31
N VAL A 260 -3.62 6.45 -14.16
CA VAL A 260 -3.43 6.35 -15.64
C VAL A 260 -3.55 7.75 -16.24
N SER A 261 -3.78 8.76 -15.43
CA SER A 261 -3.74 10.18 -15.88
C SER A 261 -2.28 10.61 -16.02
N ARG A 262 -2.08 11.70 -16.76
CA ARG A 262 -0.75 12.35 -16.86
C ARG A 262 -0.96 13.83 -16.57
N PRO A 263 -0.88 14.22 -15.28
CA PRO A 263 -1.07 15.60 -14.89
C PRO A 263 -0.20 16.52 -15.75
N ALA A 264 -0.76 17.68 -16.06
CA ALA A 264 0.00 18.75 -16.74
C ALA A 264 1.27 19.00 -15.93
N GLY A 265 2.40 19.24 -16.60
CA GLY A 265 3.62 19.65 -15.89
C GLY A 265 4.65 18.57 -15.75
N LEU A 266 4.35 17.30 -16.03
CA LEU A 266 5.37 16.25 -15.98
C LEU A 266 6.50 16.63 -16.94
N GLN A 267 7.73 16.47 -16.47
CA GLN A 267 8.95 16.84 -17.24
C GLN A 267 9.72 15.62 -17.73
N GLY A 268 9.65 14.48 -17.06
CA GLY A 268 10.47 13.32 -17.41
C GLY A 268 10.31 12.93 -18.87
N ALA A 269 11.41 12.53 -19.49
CA ALA A 269 11.42 12.11 -20.90
C ALA A 269 10.42 10.95 -21.10
N LEU A 270 10.20 10.17 -20.06
CA LEU A 270 9.43 8.89 -20.18
C LEU A 270 7.95 9.10 -19.76
N ARG A 271 7.49 10.34 -19.69
CA ARG A 271 6.13 10.66 -19.17
C ARG A 271 5.02 9.99 -19.99
N SER A 272 5.23 9.64 -21.27
CA SER A 272 4.17 9.11 -22.17
C SER A 272 4.26 7.58 -22.27
N GLU A 273 5.10 6.94 -21.48
CA GLU A 273 5.07 5.46 -21.30
C GLU A 273 3.70 5.05 -20.75
N THR A 274 3.18 3.94 -21.28
CA THR A 274 1.98 3.27 -20.71
C THR A 274 2.26 2.77 -19.29
N GLY A 275 1.32 3.03 -18.38
CA GLY A 275 1.35 2.42 -17.06
C GLY A 275 0.75 3.31 -16.00
N GLY A 276 0.90 2.91 -14.74
CA GLY A 276 0.45 3.72 -13.61
C GLY A 276 1.54 4.64 -13.11
N LEU A 277 1.17 5.89 -12.89
CA LEU A 277 2.05 6.93 -12.33
C LEU A 277 1.93 7.00 -10.81
N SER A 278 3.08 7.00 -10.14
CA SER A 278 3.20 7.05 -8.67
C SER A 278 4.08 8.21 -8.24
N GLY A 279 4.20 8.48 -6.96
CA GLY A 279 5.09 9.53 -6.45
C GLY A 279 4.44 10.90 -6.40
N LYS A 280 5.26 11.95 -6.46
CA LYS A 280 4.78 13.31 -6.13
C LYS A 280 3.61 13.73 -7.01
N PRO A 281 3.55 13.45 -8.33
CA PRO A 281 2.45 13.96 -9.13
C PRO A 281 1.09 13.34 -8.77
N LEU A 282 1.12 12.21 -8.06
CA LEU A 282 -0.12 11.51 -7.60
C LEU A 282 -0.60 12.07 -6.25
N ARG A 283 0.25 12.72 -5.50
CA ARG A 283 0.02 12.99 -4.06
C ARG A 283 -1.34 13.63 -3.86
N ASP A 284 -1.60 14.80 -4.45
CA ASP A 284 -2.81 15.58 -4.09
C ASP A 284 -4.05 14.93 -4.71
N LEU A 285 -3.96 14.25 -5.83
CA LEU A 285 -5.11 13.50 -6.40
CA LEU A 285 -5.11 13.49 -6.40
C LEU A 285 -5.50 12.41 -5.39
N SER A 286 -4.53 11.75 -4.78
N SER A 286 -4.53 11.71 -4.81
CA SER A 286 -4.78 10.69 -3.77
CA SER A 286 -4.80 10.69 -3.76
C SER A 286 -5.37 11.29 -2.49
C SER A 286 -5.47 11.37 -2.55
N THR A 287 -4.86 12.41 -2.01
CA THR A 287 -5.37 13.09 -0.79
C THR A 287 -6.82 13.51 -1.03
N GLN A 288 -7.17 14.00 -2.19
CA GLN A 288 -8.54 14.48 -2.48
C GLN A 288 -9.47 13.26 -2.56
N THR A 289 -8.98 12.12 -3.05
CA THR A 289 -9.78 10.88 -3.13
C THR A 289 -10.08 10.40 -1.70
N ILE A 290 -9.09 10.41 -0.82
CA ILE A 290 -9.30 10.10 0.61
C ILE A 290 -10.41 10.99 1.16
N ARG A 291 -10.34 12.28 0.93
CA ARG A 291 -11.25 13.28 1.51
C ARG A 291 -12.67 12.93 1.06
N GLU A 292 -12.84 12.62 -0.23
CA GLU A 292 -14.18 12.31 -0.78
C GLU A 292 -14.68 10.98 -0.18
N MET A 293 -13.85 9.96 -0.13
CA MET A 293 -14.31 8.64 0.36
C MET A 293 -14.64 8.73 1.85
N TYR A 294 -13.89 9.48 2.63
CA TYR A 294 -14.19 9.66 4.07
C TYR A 294 -15.56 10.30 4.21
N ALA A 295 -15.86 11.36 3.47
CA ALA A 295 -17.17 12.04 3.55
C ALA A 295 -18.28 11.08 3.13
N LEU A 296 -18.11 10.33 2.04
CA LEU A 296 -19.20 9.47 1.50
C LEU A 296 -19.46 8.29 2.44
N THR A 297 -18.51 7.91 3.27
CA THR A 297 -18.66 6.80 4.25
C THR A 297 -18.88 7.33 5.68
N GLN A 298 -19.11 8.64 5.81
CA GLN A 298 -19.41 9.31 7.09
C GLN A 298 -18.34 9.00 8.14
N GLY A 299 -17.09 8.83 7.71
CA GLY A 299 -15.97 8.62 8.62
C GLY A 299 -16.06 7.31 9.38
N ARG A 300 -16.92 6.37 8.95
CA ARG A 300 -17.17 5.08 9.68
C ARG A 300 -16.35 3.94 9.08
N VAL A 301 -15.60 4.19 7.99
CA VAL A 301 -14.86 3.13 7.26
C VAL A 301 -13.39 3.52 7.27
N PRO A 302 -12.54 2.76 7.96
CA PRO A 302 -11.12 3.09 8.02
C PRO A 302 -10.51 3.16 6.61
N ILE A 303 -9.67 4.17 6.43
CA ILE A 303 -8.97 4.39 5.15
C ILE A 303 -7.45 4.30 5.36
N ILE A 304 -6.80 3.53 4.50
CA ILE A 304 -5.32 3.57 4.41
C ILE A 304 -4.97 4.49 3.23
N GLY A 305 -4.32 5.61 3.52
CA GLY A 305 -4.03 6.65 2.51
C GLY A 305 -2.67 6.42 1.85
N VAL A 306 -2.63 6.41 0.53
CA VAL A 306 -1.38 6.08 -0.20
C VAL A 306 -1.34 6.90 -1.50
N GLY A 307 -0.15 7.37 -1.84
CA GLY A 307 0.13 8.08 -3.11
C GLY A 307 0.94 9.31 -2.79
N GLY A 308 2.22 9.26 -3.16
CA GLY A 308 3.07 10.46 -3.05
C GLY A 308 3.43 10.86 -1.64
N VAL A 309 3.41 9.95 -0.66
CA VAL A 309 3.90 10.30 0.70
C VAL A 309 5.42 10.22 0.75
N SER A 310 6.07 11.34 1.06
CA SER A 310 7.55 11.31 1.24
CA SER A 310 7.55 11.39 1.18
CA SER A 310 7.56 11.48 1.13
C SER A 310 7.99 12.20 2.40
N SER A 311 7.06 12.75 3.16
CA SER A 311 7.34 13.60 4.32
C SER A 311 6.25 13.45 5.38
N GLY A 312 6.54 13.96 6.57
CA GLY A 312 5.54 14.02 7.65
C GLY A 312 4.37 14.88 7.23
N GLN A 313 4.62 16.00 6.55
CA GLN A 313 3.50 16.86 6.06
C GLN A 313 2.62 16.03 5.12
N ASP A 314 3.21 15.27 4.19
CA ASP A 314 2.41 14.48 3.22
C ASP A 314 1.54 13.49 4.03
N ALA A 315 2.11 12.85 5.03
CA ALA A 315 1.39 11.83 5.84
C ALA A 315 0.25 12.52 6.61
N LEU A 316 0.54 13.63 7.28
CA LEU A 316 -0.46 14.32 8.13
C LEU A 316 -1.59 14.87 7.25
N GLU A 317 -1.30 15.35 6.03
CA GLU A 317 -2.39 15.85 5.14
C GLU A 317 -3.35 14.69 4.85
N LYS A 318 -2.85 13.48 4.61
CA LYS A 318 -3.75 12.33 4.32
C LYS A 318 -4.52 11.92 5.59
N ILE A 319 -3.87 11.95 6.74
CA ILE A 319 -4.51 11.64 8.05
C ILE A 319 -5.62 12.66 8.31
N ARG A 320 -5.36 13.96 8.15
CA ARG A 320 -6.38 14.99 8.37
C ARG A 320 -7.52 14.86 7.37
N ALA A 321 -7.25 14.38 6.18
CA ALA A 321 -8.26 14.18 5.13
C ALA A 321 -9.15 12.96 5.45
N GLY A 322 -8.67 12.05 6.30
CA GLY A 322 -9.49 10.90 6.71
C GLY A 322 -8.77 9.58 6.80
N ALA A 323 -7.47 9.51 6.53
CA ALA A 323 -6.71 8.24 6.63
C ALA A 323 -6.39 7.91 8.09
N SER A 324 -6.61 6.64 8.48
CA SER A 324 -6.16 6.13 9.79
C SER A 324 -4.69 5.69 9.75
N LEU A 325 -4.22 5.30 8.56
CA LEU A 325 -2.88 4.74 8.33
C LEU A 325 -2.43 5.32 6.99
N VAL A 326 -1.13 5.31 6.74
CA VAL A 326 -0.64 5.66 5.37
C VAL A 326 0.36 4.61 4.90
N GLN A 327 0.59 4.57 3.58
CA GLN A 327 1.63 3.70 3.01
C GLN A 327 2.48 4.54 2.06
N LEU A 328 3.65 4.02 1.76
CA LEU A 328 4.48 4.64 0.70
C LEU A 328 5.22 3.52 -0.03
N TYR A 329 5.64 3.84 -1.27
CA TYR A 329 6.52 2.97 -2.05
C TYR A 329 7.53 3.88 -2.79
N THR A 330 7.04 4.72 -3.68
CA THR A 330 7.91 5.48 -4.59
C THR A 330 8.94 6.31 -3.80
N ALA A 331 8.61 6.92 -2.67
CA ALA A 331 9.59 7.68 -1.86
C ALA A 331 10.79 6.80 -1.48
N LEU A 332 10.55 5.53 -1.17
CA LEU A 332 11.62 4.61 -0.75
C LEU A 332 12.56 4.43 -1.95
N THR A 333 11.97 4.38 -3.13
N THR A 333 12.04 4.40 -3.17
CA THR A 333 12.68 4.20 -4.41
CA THR A 333 12.85 4.17 -4.40
C THR A 333 13.70 5.33 -4.55
C THR A 333 13.70 5.39 -4.72
N PHE A 334 13.34 6.58 -4.24
CA PHE A 334 14.18 7.80 -4.45
C PHE A 334 15.11 8.10 -3.28
N TRP A 335 14.65 7.95 -2.04
CA TRP A 335 15.34 8.45 -0.83
C TRP A 335 15.97 7.29 -0.02
N GLY A 336 15.55 6.05 -0.29
CA GLY A 336 16.08 4.87 0.40
C GLY A 336 15.50 4.72 1.81
N PRO A 337 15.97 3.68 2.54
CA PRO A 337 15.42 3.31 3.83
C PRO A 337 15.28 4.44 4.83
N PRO A 338 16.18 5.46 4.90
CA PRO A 338 16.06 6.50 5.91
C PRO A 338 14.75 7.29 5.82
N VAL A 339 14.06 7.24 4.69
CA VAL A 339 12.81 8.04 4.49
C VAL A 339 11.76 7.59 5.51
N VAL A 340 11.81 6.34 5.95
CA VAL A 340 10.74 5.84 6.87
C VAL A 340 10.86 6.58 8.21
N GLY A 341 12.05 6.62 8.80
CA GLY A 341 12.28 7.35 10.04
C GLY A 341 12.03 8.84 9.85
N LYS A 342 12.37 9.36 8.66
CA LYS A 342 12.14 10.80 8.38
C LYS A 342 10.64 11.10 8.50
N VAL A 343 9.82 10.31 7.83
CA VAL A 343 8.35 10.56 7.79
C VAL A 343 7.83 10.48 9.22
N LYS A 344 8.26 9.48 9.97
CA LYS A 344 7.74 9.26 11.35
C LYS A 344 8.15 10.44 12.24
N ARG A 345 9.42 10.87 12.17
CA ARG A 345 9.92 11.98 13.02
C ARG A 345 9.14 13.24 12.67
N GLU A 346 9.01 13.53 11.36
CA GLU A 346 8.33 14.77 10.92
C GLU A 346 6.86 14.72 11.36
N LEU A 347 6.21 13.56 11.21
CA LEU A 347 4.77 13.44 11.55
C LEU A 347 4.58 13.66 13.06
N GLU A 348 5.41 13.06 13.92
CA GLU A 348 5.31 13.30 15.37
C GLU A 348 5.43 14.82 15.66
N ALA A 349 6.42 15.50 15.08
CA ALA A 349 6.66 16.94 15.34
C ALA A 349 5.43 17.75 14.92
N LEU A 350 4.85 17.46 13.75
CA LEU A 350 3.70 18.22 13.21
C LEU A 350 2.46 17.96 14.08
N LEU A 351 2.27 16.72 14.55
CA LEU A 351 1.10 16.45 15.44
C LEU A 351 1.18 17.38 16.65
N LYS A 352 2.36 17.49 17.28
CA LYS A 352 2.57 18.36 18.46
C LYS A 352 2.33 19.83 18.08
N GLU A 353 2.88 20.27 16.95
CA GLU A 353 2.77 21.68 16.49
C GLU A 353 1.30 22.06 16.27
N GLN A 354 0.45 21.11 15.86
CA GLN A 354 -0.96 21.38 15.47
C GLN A 354 -1.92 21.01 16.61
N GLY A 355 -1.40 20.65 17.80
CA GLY A 355 -2.18 20.47 19.04
C GLY A 355 -2.88 19.12 19.12
N PHE A 356 -2.41 18.10 18.39
CA PHE A 356 -2.97 16.72 18.44
C PHE A 356 -2.22 15.90 19.48
N GLY A 357 -2.96 15.16 20.33
CA GLY A 357 -2.37 14.28 21.35
C GLY A 357 -1.69 13.08 20.71
N GLY A 358 -2.15 12.71 19.51
CA GLY A 358 -1.62 11.57 18.77
C GLY A 358 -2.27 11.47 17.41
N VAL A 359 -1.86 10.47 16.62
CA VAL A 359 -2.42 10.21 15.28
C VAL A 359 -3.94 10.13 15.39
N THR A 360 -4.45 9.38 16.39
CA THR A 360 -5.90 9.09 16.43
C THR A 360 -6.71 10.40 16.40
N ASP A 361 -6.26 11.41 17.15
CA ASP A 361 -6.98 12.69 17.29
CA ASP A 361 -6.92 12.73 17.32
C ASP A 361 -6.96 13.47 15.97
N ALA A 362 -6.02 13.20 15.07
CA ALA A 362 -5.90 13.94 13.79
C ALA A 362 -6.73 13.30 12.68
N ILE A 363 -7.15 12.05 12.85
CA ILE A 363 -7.85 11.34 11.76
C ILE A 363 -9.13 12.09 11.39
N GLY A 364 -9.23 12.53 10.14
CA GLY A 364 -10.40 13.27 9.62
C GLY A 364 -10.57 14.67 10.22
N ALA A 365 -9.55 15.23 10.86
CA ALA A 365 -9.63 16.57 11.51
C ALA A 365 -10.10 17.66 10.53
N ASP A 366 -9.75 17.56 9.24
CA ASP A 366 -10.14 18.64 8.31
C ASP A 366 -11.67 18.70 8.15
N HIS A 367 -12.38 17.59 8.39
CA HIS A 367 -13.84 17.52 8.14
C HIS A 367 -14.59 18.18 9.28
N ARG A 368 -13.91 18.44 10.40
CA ARG A 368 -14.48 19.07 11.61
C ARG A 368 -14.08 20.55 11.62
N1 ORO B . 1.03 -1.77 -10.91
C2 ORO B . 0.40 -0.78 -10.20
O2 ORO B . 0.71 0.42 -10.30
N3 ORO B . -0.67 -1.19 -9.44
C4 ORO B . -1.11 -2.48 -9.29
O4 ORO B . -2.12 -2.69 -8.61
C5 ORO B . -0.40 -3.46 -10.07
C6 ORO B . 0.68 -3.09 -10.81
C7 ORO B . 1.35 -4.03 -11.74
O71 ORO B . 1.58 -5.18 -11.36
O72 ORO B . 1.55 -3.59 -12.90
N1 FMN C . -0.53 -1.74 -5.85
C2 FMN C . -1.16 -2.94 -5.73
O2 FMN C . -2.27 -2.91 -5.12
N3 FMN C . -0.61 -4.09 -6.15
C4 FMN C . 0.56 -4.24 -6.81
O4 FMN C . 1.01 -5.34 -7.17
C4A FMN C . 1.33 -2.99 -7.02
N5 FMN C . 2.52 -2.97 -7.71
C5A FMN C . 3.18 -1.78 -7.79
C6 FMN C . 4.43 -1.75 -8.41
C7 FMN C . 5.14 -0.59 -8.55
C7M FMN C . 6.53 -0.53 -9.20
C8 FMN C . 4.58 0.62 -8.02
C8M FMN C . 5.31 1.94 -8.09
C9 FMN C . 3.33 0.65 -7.38
C9A FMN C . 2.63 -0.57 -7.26
N10 FMN C . 1.34 -0.56 -6.63
C10 FMN C . 0.69 -1.78 -6.51
C1' FMN C . 0.79 0.69 -6.16
C2' FMN C . 1.29 1.12 -4.80
O2' FMN C . 0.86 0.16 -3.81
C3' FMN C . 0.73 2.46 -4.43
O3' FMN C . -0.72 2.36 -4.36
C4' FMN C . 1.09 3.61 -5.43
O4' FMN C . 2.38 3.36 -6.00
C5' FMN C . 1.05 4.96 -4.75
O5' FMN C . 2.00 5.12 -3.68
P FMN C . 3.45 5.80 -3.92
O1P FMN C . 3.93 6.01 -2.52
O2P FMN C . 4.30 4.79 -4.71
O3P FMN C . 3.21 7.15 -4.59
S SO4 D . -6.94 -22.64 14.93
O1 SO4 D . -7.07 -24.04 15.34
O2 SO4 D . -7.00 -21.82 16.10
O3 SO4 D . -5.67 -22.47 14.27
O4 SO4 D . -7.96 -22.25 14.00
S SO4 E . 9.92 -11.62 -10.42
O1 SO4 E . 8.59 -11.84 -10.96
O2 SO4 E . 10.45 -12.87 -9.90
O3 SO4 E . 9.90 -10.64 -9.36
O4 SO4 E . 10.80 -11.14 -11.47
S SO4 F . -16.92 -17.93 15.45
O1 SO4 F . -18.29 -18.13 15.82
O2 SO4 F . -16.07 -18.56 16.43
O3 SO4 F . -16.68 -18.52 14.16
O4 SO4 F . -16.65 -16.52 15.41
C1 M4J G . 15.55 1.09 -1.30
C2 M4J G . 16.91 1.05 -1.20
C3 M4J G . 17.51 0.09 -0.40
C4 M4J G . 16.68 -0.81 0.39
C5 M4J G . 15.30 -0.73 0.24
C6 M4J G . 17.27 -1.76 1.19
O M4J G . 24.21 -3.97 6.80
C23 M4J G . 23.78 -2.90 7.20
C24 M4J G . 23.51 -2.65 8.68
N3 M4J G . 23.93 -3.78 9.50
N2 M4J G . 23.54 -1.85 6.43
C20 M4J G . 23.67 -1.76 5.07
C21 M4J G . 24.15 -2.78 4.24
C22 M4J G . 24.25 -2.57 2.86
C19 M4J G . 23.29 -0.55 4.50
C18 M4J G . 23.38 -0.36 3.12
C17 M4J G . 23.87 -1.35 2.27
N1 M4J G . 24.02 -1.16 0.97
N M4J G . 25.32 -1.34 0.51
C16 M4J G . 25.21 -1.01 -0.77
C25 M4J G . 26.39 -1.10 -1.71
F1 M4J G . 26.54 -2.32 -2.18
F M4J G . 26.31 -0.27 -2.73
F2 M4J G . 27.48 -0.81 -1.03
C14 M4J G . 23.19 -0.57 0.12
C15 M4J G . 23.94 -0.56 -1.09
C12 M4J G . 21.72 -0.34 0.09
C13 M4J G . 20.90 -1.21 0.78
C8 M4J G . 19.52 -1.07 0.64
C9 M4J G . 18.97 -0.04 -0.25
C10 M4J G . 19.83 0.81 -0.93
C11 M4J G . 21.19 0.62 -0.79
C7 M4J G . 18.64 -1.88 1.37
C M4J G . 14.74 0.23 -0.55
#